data_5VMO
#
_entry.id   5VMO
#
_cell.length_a   71.800
_cell.length_b   71.800
_cell.length_c   56.560
_cell.angle_alpha   90.00
_cell.angle_beta   90.00
_cell.angle_gamma   120.00
#
_symmetry.space_group_name_H-M   'P 65'
#
loop_
_entity.id
_entity.type
_entity.pdbx_description
1 polymer 'Bak protein'
2 polymer 'Bcl-2 interacting mediator of cell death'
3 non-polymer 'PENTAETHYLENE GLYCOL'
4 non-polymer 1,2-ETHANEDIOL
5 water water
#
loop_
_entity_poly.entity_id
_entity_poly.type
_entity_poly.pdbx_seq_one_letter_code
_entity_poly.pdbx_strand_id
1 'polypeptide(L)'
;GPLGSMTNINFSALLRGERMCPLTREIHSQMLIVTKSYSLVETFRAFPRLPNILEIGNNIVSDGNLNWGRILILLGISQL
YFTKSESESERTQITEQLERFFRQDAISNWIASNGGWVTCASLDLRNYSSVT
;
A
2 'polypeptide(L)' ALPPEMVVARELRRIGDEFNRLYCEA B
#
# COMPACT_ATOMS: atom_id res chain seq x y z
N ILE A 9 -3.69 11.48 -4.69
CA ILE A 9 -3.09 11.40 -3.34
C ILE A 9 -1.66 11.83 -3.44
N ASN A 10 -1.23 12.57 -2.45
CA ASN A 10 0.16 12.93 -2.38
C ASN A 10 0.78 11.88 -1.47
N PHE A 11 1.54 10.94 -2.05
CA PHE A 11 2.06 9.85 -1.22
C PHE A 11 3.12 10.30 -0.24
N SER A 12 3.82 11.38 -0.53
CA SER A 12 4.75 11.92 0.46
C SER A 12 4.01 12.49 1.66
N ALA A 13 2.95 13.27 1.41
CA ALA A 13 2.11 13.75 2.49
C ALA A 13 1.56 12.59 3.31
N LEU A 14 1.08 11.56 2.61
CA LEU A 14 0.49 10.41 3.28
C LEU A 14 1.49 9.74 4.20
N LEU A 15 2.66 9.39 3.67
CA LEU A 15 3.60 8.60 4.46
C LEU A 15 4.24 9.41 5.57
N ARG A 16 4.29 10.70 5.43
CA ARG A 16 4.83 11.59 6.47
C ARG A 16 3.74 12.09 7.41
N GLY A 17 2.49 11.88 7.06
CA GLY A 17 1.42 12.39 7.88
C GLY A 17 1.44 13.90 7.98
N GLU A 18 1.82 14.58 6.89
CA GLU A 18 2.18 15.99 6.91
C GLU A 18 1.53 16.72 5.74
N ARG A 19 0.88 17.81 6.09
CA ARG A 19 0.18 18.70 5.18
C ARG A 19 -0.83 17.90 4.34
N MET A 20 -1.62 17.10 5.04
CA MET A 20 -2.61 16.25 4.40
C MET A 20 -3.93 16.95 4.17
N CYS A 21 -4.47 16.81 2.97
CA CYS A 21 -5.85 17.27 2.71
CA CYS A 21 -5.85 17.27 2.71
C CYS A 21 -6.81 16.27 3.35
N PRO A 22 -8.10 16.60 3.46
CA PRO A 22 -9.03 15.71 4.19
C PRO A 22 -9.02 14.26 3.67
N LEU A 23 -9.01 14.05 2.36
CA LEU A 23 -9.02 12.68 1.86
C LEU A 23 -7.78 11.94 2.31
N THR A 24 -6.63 12.54 2.09
CA THR A 24 -5.35 11.92 2.47
C THR A 24 -5.31 11.63 3.97
N ARG A 25 -5.84 12.56 4.78
CA ARG A 25 -5.89 12.38 6.22
C ARG A 25 -6.69 11.15 6.58
N GLU A 26 -7.83 10.92 5.86
CA GLU A 26 -8.65 9.76 6.21
C GLU A 26 -7.97 8.48 5.75
N ILE A 27 -7.32 8.50 4.59
CA ILE A 27 -6.57 7.30 4.15
C ILE A 27 -5.45 7.04 5.15
N HIS A 28 -4.81 8.11 5.64
CA HIS A 28 -3.78 7.98 6.63
C HIS A 28 -4.29 7.30 7.89
N SER A 29 -5.52 7.64 8.31
CA SER A 29 -6.14 7.06 9.49
C SER A 29 -6.38 5.58 9.28
N GLN A 30 -6.79 5.22 8.08
CA GLN A 30 -7.03 3.80 7.74
C GLN A 30 -5.72 3.02 7.69
N MET A 31 -4.72 3.61 7.01
CA MET A 31 -3.37 3.03 7.02
CA MET A 31 -3.35 3.09 7.04
C MET A 31 -2.93 2.59 8.39
N LEU A 32 -2.98 3.51 9.33
CA LEU A 32 -2.59 3.27 10.72
C LEU A 32 -3.24 2.03 11.28
N ILE A 33 -4.57 1.93 11.21
CA ILE A 33 -5.26 0.71 11.62
C ILE A 33 -4.61 -0.50 10.93
N VAL A 34 -4.40 -0.41 9.63
CA VAL A 34 -3.92 -1.55 8.86
C VAL A 34 -2.53 -1.98 9.34
N THR A 35 -1.68 -1.00 9.70
CA THR A 35 -0.32 -1.34 10.10
C THR A 35 -0.28 -2.14 11.40
N LYS A 36 -1.42 -2.37 12.06
CA LYS A 36 -1.55 -3.20 13.27
C LYS A 36 -1.94 -4.64 12.99
N SER A 37 -2.19 -5.00 11.73
CA SER A 37 -2.53 -6.35 11.31
C SER A 37 -1.41 -7.30 11.66
N TYR A 38 -1.73 -8.35 12.42
CA TYR A 38 -0.68 -9.28 12.80
C TYR A 38 0.02 -9.84 11.57
N SER A 39 -0.76 -10.31 10.58
CA SER A 39 -0.16 -10.99 9.43
C SER A 39 0.70 -9.99 8.67
N LEU A 40 0.24 -8.74 8.60
CA LEU A 40 1.04 -7.73 7.91
C LEU A 40 2.35 -7.48 8.66
N VAL A 41 2.28 -7.29 9.97
CA VAL A 41 3.51 -7.05 10.73
C VAL A 41 4.47 -8.23 10.58
N GLU A 42 3.94 -9.46 10.65
CA GLU A 42 4.82 -10.64 10.52
C GLU A 42 5.51 -10.67 9.17
N THR A 43 4.78 -10.29 8.12
CA THR A 43 5.33 -10.28 6.77
C THR A 43 6.46 -9.25 6.70
N PHE A 44 6.20 -8.08 7.27
CA PHE A 44 7.20 -7.02 7.30
C PHE A 44 8.44 -7.47 8.04
N ARG A 45 8.27 -8.15 9.17
CA ARG A 45 9.41 -8.50 10.00
C ARG A 45 10.25 -9.55 9.35
N ALA A 46 9.65 -10.34 8.49
CA ALA A 46 10.35 -11.36 7.72
C ALA A 46 11.24 -10.79 6.62
N PHE A 47 11.01 -9.54 6.20
CA PHE A 47 11.78 -8.88 5.14
C PHE A 47 12.18 -7.47 5.56
N PRO A 48 13.13 -7.34 6.46
CA PRO A 48 13.54 -5.99 6.90
C PRO A 48 14.26 -5.20 5.85
N ARG A 49 14.89 -5.84 4.87
CA ARG A 49 15.59 -5.11 3.83
C ARG A 49 14.54 -4.52 2.91
N LEU A 50 14.56 -3.20 2.73
CA LEU A 50 13.59 -2.53 1.87
C LEU A 50 13.49 -3.16 0.47
N PRO A 51 12.33 -3.67 0.08
CA PRO A 51 12.10 -4.24 -1.25
C PRO A 51 11.57 -3.19 -2.21
N ASN A 52 11.42 -3.59 -3.47
CA ASN A 52 10.87 -2.72 -4.53
C ASN A 52 9.35 -2.72 -4.42
N ILE A 53 8.76 -1.58 -3.97
CA ILE A 53 7.34 -1.43 -3.71
C ILE A 53 6.54 -1.49 -5.01
N LEU A 54 7.13 -1.03 -6.13
CA LEU A 54 6.43 -1.07 -7.41
C LEU A 54 6.25 -2.52 -7.84
N GLU A 55 7.30 -3.31 -7.64
CA GLU A 55 7.24 -4.72 -7.99
C GLU A 55 6.29 -5.48 -7.12
N ILE A 56 6.26 -5.16 -5.81
CA ILE A 56 5.31 -5.77 -4.91
C ILE A 56 3.87 -5.47 -5.37
N GLY A 57 3.62 -4.23 -5.73
CA GLY A 57 2.29 -3.87 -6.18
C GLY A 57 1.93 -4.63 -7.43
N ASN A 58 2.84 -4.65 -8.38
CA ASN A 58 2.50 -5.38 -9.61
C ASN A 58 2.35 -6.88 -9.38
N ASN A 59 3.11 -7.46 -8.45
CA ASN A 59 2.93 -8.88 -8.14
C ASN A 59 1.59 -9.16 -7.50
N ILE A 60 1.10 -8.23 -6.69
CA ILE A 60 -0.17 -8.47 -6.03
C ILE A 60 -1.25 -8.65 -7.09
N VAL A 61 -1.24 -7.81 -8.12
CA VAL A 61 -2.31 -7.90 -9.14
C VAL A 61 -2.00 -8.94 -10.21
N SER A 62 -0.99 -9.84 -9.99
CA SER A 62 -0.59 -10.77 -11.03
C SER A 62 -1.60 -11.89 -11.18
N ASP A 63 -2.62 -11.98 -10.30
CA ASP A 63 -3.75 -12.88 -10.53
C ASP A 63 -4.87 -12.23 -11.31
N GLY A 64 -4.69 -10.99 -11.74
CA GLY A 64 -5.68 -10.27 -12.51
C GLY A 64 -6.72 -9.55 -11.69
N ASN A 65 -6.59 -9.56 -10.38
CA ASN A 65 -7.58 -8.97 -9.48
C ASN A 65 -6.99 -7.77 -8.71
N LEU A 66 -7.88 -6.87 -8.33
CA LEU A 66 -7.54 -5.76 -7.46
C LEU A 66 -8.78 -5.44 -6.62
N ASN A 67 -8.55 -4.99 -5.38
CA ASN A 67 -9.62 -4.53 -4.53
C ASN A 67 -9.03 -3.56 -3.50
N TRP A 68 -9.90 -2.92 -2.79
CA TRP A 68 -9.46 -1.87 -1.87
C TRP A 68 -8.72 -2.44 -0.68
N GLY A 69 -9.02 -3.67 -0.28
CA GLY A 69 -8.23 -4.30 0.77
C GLY A 69 -6.78 -4.50 0.37
N ARG A 70 -6.55 -4.91 -0.85
CA ARG A 70 -5.19 -5.03 -1.34
C ARG A 70 -4.47 -3.70 -1.39
N ILE A 71 -5.15 -2.67 -1.87
CA ILE A 71 -4.56 -1.35 -1.96
C ILE A 71 -4.20 -0.87 -0.56
N LEU A 72 -5.09 -1.05 0.42
CA LEU A 72 -4.81 -0.57 1.76
C LEU A 72 -3.63 -1.32 2.36
N ILE A 73 -3.55 -2.62 2.11
CA ILE A 73 -2.45 -3.40 2.62
C ILE A 73 -1.12 -2.97 1.97
N LEU A 74 -1.10 -2.69 0.67
CA LEU A 74 0.14 -2.17 0.04
C LEU A 74 0.56 -0.83 0.64
N LEU A 75 -0.39 0.09 0.85
CA LEU A 75 -0.04 1.34 1.51
C LEU A 75 0.51 1.07 2.92
N GLY A 76 -0.11 0.11 3.65
CA GLY A 76 0.32 -0.20 5.02
C GLY A 76 1.75 -0.70 5.11
N ILE A 77 2.11 -1.64 4.22
CA ILE A 77 3.50 -2.12 4.27
C ILE A 77 4.46 -1.02 3.84
N SER A 78 4.05 -0.17 2.90
CA SER A 78 4.85 0.98 2.54
C SER A 78 5.09 1.90 3.71
N GLN A 79 4.03 2.17 4.50
CA GLN A 79 4.20 3.00 5.68
C GLN A 79 5.16 2.37 6.67
N LEU A 80 5.06 1.06 6.86
CA LEU A 80 5.98 0.41 7.80
C LEU A 80 7.44 0.58 7.35
N TYR A 81 7.72 0.35 6.09
CA TYR A 81 9.09 0.56 5.61
C TYR A 81 9.50 2.02 5.73
N PHE A 82 8.60 2.95 5.44
CA PHE A 82 8.91 4.38 5.53
C PHE A 82 9.19 4.80 6.95
N THR A 83 8.42 4.32 7.89
CA THR A 83 8.70 4.65 9.28
C THR A 83 10.07 4.17 9.73
N LYS A 84 10.48 3.00 9.29
CA LYS A 84 11.77 2.45 9.71
C LYS A 84 12.93 2.84 8.80
N SER A 85 12.70 3.72 7.85
CA SER A 85 13.68 3.94 6.82
C SER A 85 14.95 4.54 7.42
N GLU A 86 16.08 4.19 6.81
CA GLU A 86 17.35 4.60 7.39
C GLU A 86 17.99 5.78 6.67
N SER A 87 17.40 6.26 5.58
CA SER A 87 17.99 7.36 4.83
C SER A 87 16.90 8.11 4.06
N GLU A 88 17.24 9.33 3.65
CA GLU A 88 16.27 10.07 2.83
C GLU A 88 16.11 9.45 1.44
N SER A 89 17.18 8.88 0.92
CA SER A 89 17.07 8.14 -0.34
C SER A 89 16.05 7.01 -0.24
N GLU A 90 16.02 6.29 0.88
CA GLU A 90 15.03 5.23 1.00
C GLU A 90 13.63 5.81 0.99
N ARG A 91 13.45 6.93 1.67
CA ARG A 91 12.11 7.52 1.67
C ARG A 91 11.69 8.02 0.30
N THR A 92 12.62 8.61 -0.43
CA THR A 92 12.36 9.01 -1.81
C THR A 92 11.99 7.81 -2.68
N GLN A 93 12.70 6.70 -2.49
CA GLN A 93 12.43 5.52 -3.31
C GLN A 93 11.03 4.97 -3.02
N ILE A 94 10.64 4.91 -1.74
CA ILE A 94 9.33 4.39 -1.41
C ILE A 94 8.25 5.24 -2.05
N THR A 95 8.36 6.57 -1.91
CA THR A 95 7.36 7.50 -2.37
C THR A 95 7.21 7.44 -3.88
N GLU A 96 8.36 7.42 -4.57
CA GLU A 96 8.37 7.40 -6.03
C GLU A 96 7.83 6.08 -6.57
N GLN A 97 8.14 4.96 -5.90
CA GLN A 97 7.65 3.68 -6.38
C GLN A 97 6.16 3.55 -6.16
N LEU A 98 5.64 4.09 -5.05
CA LEU A 98 4.17 4.08 -4.87
C LEU A 98 3.51 4.93 -5.92
N GLU A 99 4.08 6.10 -6.18
CA GLU A 99 3.52 7.00 -7.17
C GLU A 99 3.48 6.32 -8.53
N ARG A 100 4.58 5.66 -8.89
CA ARG A 100 4.66 4.95 -10.17
C ARG A 100 3.68 3.78 -10.26
N PHE A 101 3.45 3.06 -9.17
CA PHE A 101 2.46 1.98 -9.17
C PHE A 101 1.05 2.52 -9.44
N PHE A 102 0.64 3.57 -8.74
CA PHE A 102 -0.74 4.02 -8.85
C PHE A 102 -0.95 4.86 -10.11
N ARG A 103 0.10 5.36 -10.73
CA ARG A 103 -0.01 6.11 -11.99
C ARG A 103 -0.05 5.21 -13.20
N GLN A 104 0.22 3.90 -13.04
CA GLN A 104 0.01 2.99 -14.17
C GLN A 104 -1.45 2.99 -14.58
N ASP A 105 -1.67 3.01 -15.91
CA ASP A 105 -3.09 3.07 -16.37
C ASP A 105 -3.93 1.95 -15.79
N ALA A 106 -3.36 0.73 -15.70
CA ALA A 106 -4.16 -0.42 -15.28
C ALA A 106 -4.68 -0.19 -13.87
N ILE A 107 -3.88 0.47 -13.05
CA ILE A 107 -4.26 0.71 -11.65
C ILE A 107 -5.13 1.96 -11.54
N SER A 108 -4.72 3.06 -12.16
CA SER A 108 -5.51 4.31 -12.11
C SER A 108 -6.88 4.11 -12.72
N ASN A 109 -6.97 3.29 -13.80
CA ASN A 109 -8.28 3.01 -14.39
C ASN A 109 -9.16 2.17 -13.45
N TRP A 110 -8.57 1.24 -12.72
CA TRP A 110 -9.34 0.46 -11.75
C TRP A 110 -9.86 1.38 -10.65
N ILE A 111 -9.00 2.25 -10.14
CA ILE A 111 -9.44 3.10 -9.03
C ILE A 111 -10.58 3.98 -9.49
N ALA A 112 -10.42 4.60 -10.67
CA ALA A 112 -11.46 5.49 -11.21
C ALA A 112 -12.80 4.77 -11.46
N SER A 113 -12.76 3.49 -11.80
CA SER A 113 -13.93 2.67 -12.08
CA SER A 113 -13.96 2.73 -12.08
C SER A 113 -14.55 2.04 -10.85
N ASN A 114 -13.89 2.17 -9.68
CA ASN A 114 -14.34 1.54 -8.46
C ASN A 114 -14.43 2.53 -7.32
N GLY A 115 -14.90 3.74 -7.65
CA GLY A 115 -15.31 4.69 -6.62
C GLY A 115 -14.30 5.75 -6.29
N GLY A 116 -13.09 5.64 -6.82
CA GLY A 116 -12.08 6.61 -6.57
C GLY A 116 -11.52 6.45 -5.19
N TRP A 117 -10.45 7.19 -4.87
CA TRP A 117 -9.95 7.22 -3.48
C TRP A 117 -11.02 7.61 -2.45
N VAL A 118 -12.02 8.41 -2.81
CA VAL A 118 -13.04 8.75 -1.85
C VAL A 118 -13.77 7.54 -1.34
N THR A 119 -13.96 6.51 -2.21
CA THR A 119 -14.65 5.32 -1.75
C THR A 119 -13.77 4.54 -0.78
N CYS A 120 -12.45 4.57 -1.00
CA CYS A 120 -11.57 3.92 -0.05
C CYS A 120 -11.72 4.59 1.30
N ALA A 121 -11.73 5.92 1.30
CA ALA A 121 -11.72 6.72 2.51
C ALA A 121 -13.04 6.63 3.24
N SER A 122 -14.13 6.50 2.51
CA SER A 122 -15.43 6.41 3.15
C SER A 122 -15.66 5.09 3.90
N LEU A 123 -14.71 4.14 3.88
CA LEU A 123 -14.93 2.82 4.54
C LEU A 123 -15.00 2.88 6.08
N ALA B 1 16.37 -16.87 -2.19
CA ALA B 1 16.43 -17.34 -3.59
C ALA B 1 15.32 -16.75 -4.42
N LEU B 2 14.09 -17.02 -4.00
CA LEU B 2 12.99 -16.34 -4.65
C LEU B 2 13.11 -14.83 -4.39
N PRO B 3 12.66 -13.99 -5.34
CA PRO B 3 12.66 -12.54 -5.07
C PRO B 3 11.81 -12.26 -3.85
N PRO B 4 12.31 -11.42 -2.93
CA PRO B 4 11.50 -11.02 -1.78
C PRO B 4 10.18 -10.42 -2.22
N GLU B 5 10.18 -9.73 -3.35
CA GLU B 5 8.95 -9.04 -3.78
C GLU B 5 7.84 -10.06 -4.10
N MET B 6 8.22 -11.22 -4.60
CA MET B 6 7.25 -12.29 -4.92
C MET B 6 6.72 -12.95 -3.65
N VAL B 7 7.59 -13.15 -2.67
CA VAL B 7 7.13 -13.78 -1.43
C VAL B 7 6.22 -12.84 -0.68
N VAL B 8 6.64 -11.60 -0.53
CA VAL B 8 5.85 -10.58 0.15
C VAL B 8 4.51 -10.40 -0.54
N ALA B 9 4.51 -10.31 -1.85
CA ALA B 9 3.24 -10.09 -2.58
C ALA B 9 2.26 -11.24 -2.36
N ARG B 10 2.74 -12.47 -2.31
CA ARG B 10 1.83 -13.56 -2.13
C ARG B 10 1.11 -13.38 -0.79
N GLU B 11 1.86 -13.01 0.24
CA GLU B 11 1.25 -12.85 1.55
C GLU B 11 0.30 -11.65 1.54
N LEU B 12 0.71 -10.54 0.94
CA LEU B 12 -0.16 -9.36 0.94
C LEU B 12 -1.45 -9.58 0.12
N ARG B 13 -1.41 -10.35 -0.97
CA ARG B 13 -2.65 -10.66 -1.64
C ARG B 13 -3.62 -11.36 -0.70
N ARG B 14 -3.13 -12.36 0.04
CA ARG B 14 -3.96 -13.12 0.97
C ARG B 14 -4.54 -12.22 2.08
N ILE B 15 -3.71 -11.37 2.68
CA ILE B 15 -4.14 -10.48 3.76
C ILE B 15 -5.11 -9.42 3.21
N GLY B 16 -4.73 -8.84 2.10
CA GLY B 16 -5.57 -7.85 1.44
C GLY B 16 -6.96 -8.38 1.13
N ASP B 17 -7.04 -9.62 0.62
CA ASP B 17 -8.36 -10.19 0.34
C ASP B 17 -9.16 -10.47 1.60
N GLU B 18 -8.50 -10.88 2.67
CA GLU B 18 -9.20 -11.11 3.92
C GLU B 18 -9.68 -9.79 4.50
N PHE B 19 -8.86 -8.75 4.43
CA PHE B 19 -9.30 -7.41 4.83
C PHE B 19 -10.43 -6.90 3.92
N ASN B 20 -10.33 -7.20 2.63
CA ASN B 20 -11.37 -6.79 1.70
C ASN B 20 -12.70 -7.45 2.06
N ARG B 21 -12.67 -8.75 2.35
CA ARG B 21 -13.88 -9.50 2.66
C ARG B 21 -14.50 -9.07 3.98
N LEU B 22 -13.67 -8.85 4.99
CA LEU B 22 -14.19 -8.61 6.32
C LEU B 22 -14.66 -7.17 6.48
N TYR B 23 -13.92 -6.23 5.89
CA TYR B 23 -14.14 -4.82 6.14
C TYR B 23 -14.52 -3.98 4.92
N CYS B 24 -14.28 -4.46 3.69
CA CYS B 24 -14.62 -3.65 2.49
C CYS B 24 -15.91 -4.06 1.74
#